data_5WFL
#
_entry.id   5WFL
#
_cell.length_a   162.314
_cell.length_b   68.730
_cell.length_c   77.167
_cell.angle_alpha   90.00
_cell.angle_beta   117.73
_cell.angle_gamma   90.00
#
_symmetry.space_group_name_H-M   'C 1 2 1'
#
loop_
_entity.id
_entity.type
_entity.pdbx_description
1 polymer 'Kelch-like ECH-associated protein 1'
2 non-polymer 'SULFATE ION'
3 water water
#
_entity_poly.entity_id   1
_entity_poly.type   'polypeptide(L)'
_entity_poly.pdbx_seq_one_letter_code
;MGSSHHHHHHSSGGENLYFQGHMKPTQVMPSRAPKVGRLIYTAGGYFRQSLSYLEAYNPSDGTWLRLADLQVPRSGLAGC
VVGGLLYAVGGRNNSPDGNTDSSALDCYNPMTNQWSPCAPMSVPRNRIGVGVIDGHIYAVGGSHGCIHHNSVERYEPERD
EWHLVAPMLTRRIGVGVAVLNRLLYAVGGFDGTNRLNSAECYYPERNEWRMITAMNTIRSGAGVCVLHNCIYAAGGYDGQ
DQLNSVERYDVATATWTFVAPMKHRRSALGITVHQGRIYVLGGYDGHTFLDSVECYDPDTDTWSEVTRMTSGRSGVGVAV
TMEPSRKQIDQQNSTS
;
_entity_poly.pdbx_strand_id   A,B
#
loop_
_chem_comp.id
_chem_comp.type
_chem_comp.name
_chem_comp.formula
SO4 non-polymer 'SULFATE ION' 'O4 S -2'
#
# COMPACT_ATOMS: atom_id res chain seq x y z
N LEU A 39 -14.68 1.44 -12.62
CA LEU A 39 -15.84 2.28 -12.31
C LEU A 39 -16.38 2.05 -10.89
N ILE A 40 -17.24 2.97 -10.47
CA ILE A 40 -17.82 2.98 -9.12
C ILE A 40 -19.17 2.27 -9.20
N TYR A 41 -19.30 1.14 -8.49
CA TYR A 41 -20.51 0.35 -8.44
C TYR A 41 -21.26 0.61 -7.14
N THR A 42 -22.59 0.71 -7.24
CA THR A 42 -23.46 0.88 -6.08
C THR A 42 -24.50 -0.24 -6.07
N ALA A 43 -24.59 -0.94 -4.94
CA ALA A 43 -25.49 -2.07 -4.80
C ALA A 43 -26.50 -1.76 -3.70
N GLY A 44 -27.77 -2.08 -3.96
CA GLY A 44 -28.79 -1.96 -2.96
C GLY A 44 -29.15 -0.52 -2.64
N GLY A 45 -29.64 -0.32 -1.44
CA GLY A 45 -30.06 0.99 -1.02
C GLY A 45 -31.50 0.99 -0.53
N TYR A 46 -31.94 2.18 -0.20
CA TYR A 46 -33.29 2.36 0.32
C TYR A 46 -33.91 3.61 -0.28
N PHE A 47 -35.13 3.45 -0.78
CA PHE A 47 -35.97 4.59 -1.11
C PHE A 47 -37.40 4.05 -1.07
N ARG A 48 -38.10 4.31 0.04
CA ARG A 48 -39.44 3.79 0.33
C ARG A 48 -39.44 2.28 0.60
N GLN A 49 -38.54 1.51 -0.02
CA GLN A 49 -38.29 0.11 0.37
C GLN A 49 -36.83 -0.20 0.03
N SER A 50 -36.32 -1.33 0.53
CA SER A 50 -34.98 -1.73 0.15
C SER A 50 -34.94 -2.02 -1.35
N LEU A 51 -33.81 -1.76 -1.98
CA LEU A 51 -33.70 -1.79 -3.44
C LEU A 51 -32.77 -2.91 -3.88
N SER A 52 -32.93 -3.34 -5.12
CA SER A 52 -32.09 -4.36 -5.72
C SER A 52 -31.14 -3.80 -6.78
N TYR A 53 -31.10 -2.48 -6.96
CA TYR A 53 -30.38 -1.84 -8.05
C TYR A 53 -28.90 -2.17 -8.00
N LEU A 54 -28.31 -2.36 -9.18
CA LEU A 54 -26.85 -2.33 -9.37
C LEU A 54 -26.55 -1.37 -10.51
N GLU A 55 -25.87 -0.26 -10.21
CA GLU A 55 -25.54 0.76 -11.20
C GLU A 55 -24.10 1.20 -11.07
N ALA A 56 -23.54 1.69 -12.17
CA ALA A 56 -22.15 2.07 -12.25
C ALA A 56 -22.02 3.46 -12.86
N TYR A 57 -21.31 4.34 -12.14
CA TYR A 57 -21.01 5.70 -12.57
C TYR A 57 -19.58 5.77 -13.07
N ASN A 58 -19.37 6.43 -14.19
CA ASN A 58 -18.01 6.61 -14.67
C ASN A 58 -17.66 8.10 -14.53
N PRO A 59 -16.67 8.43 -13.69
CA PRO A 59 -16.31 9.85 -13.49
C PRO A 59 -15.73 10.54 -14.72
N SER A 60 -15.34 9.79 -15.74
CA SER A 60 -14.87 10.38 -17.00
C SER A 60 -16.04 10.90 -17.85
N ASP A 61 -17.02 10.01 -18.16
CA ASP A 61 -18.06 10.29 -19.15
C ASP A 61 -19.22 11.07 -18.54
N GLY A 62 -19.34 11.04 -17.21
CA GLY A 62 -20.40 11.70 -16.45
C GLY A 62 -21.71 10.94 -16.44
N THR A 63 -21.83 9.86 -17.20
CA THR A 63 -23.05 9.09 -17.36
C THR A 63 -23.06 7.83 -16.50
N TRP A 64 -24.26 7.24 -16.40
CA TRP A 64 -24.55 6.08 -15.58
C TRP A 64 -24.95 4.86 -16.40
N LEU A 65 -24.52 3.67 -15.95
CA LEU A 65 -24.83 2.38 -16.58
C LEU A 65 -25.58 1.44 -15.62
N ARG A 66 -26.70 0.86 -16.09
CA ARG A 66 -27.60 0.03 -15.28
C ARG A 66 -27.32 -1.46 -15.52
N LEU A 67 -27.15 -2.23 -14.43
CA LEU A 67 -26.77 -3.66 -14.49
C LEU A 67 -27.75 -4.58 -13.77
N ALA A 68 -27.30 -5.82 -13.52
CA ALA A 68 -28.13 -6.87 -12.97
C ALA A 68 -28.67 -6.54 -11.57
N ASP A 69 -29.92 -6.91 -11.31
CA ASP A 69 -30.44 -6.72 -9.97
C ASP A 69 -29.85 -7.72 -8.98
N LEU A 70 -29.68 -7.28 -7.73
CA LEU A 70 -29.53 -8.18 -6.60
C LEU A 70 -30.65 -9.23 -6.61
N GLN A 71 -30.35 -10.44 -6.12
CA GLN A 71 -31.39 -11.46 -6.06
C GLN A 71 -32.44 -11.12 -4.99
N VAL A 72 -31.99 -10.57 -3.87
CA VAL A 72 -32.84 -10.15 -2.76
C VAL A 72 -32.59 -8.68 -2.54
N PRO A 73 -33.63 -7.85 -2.44
CA PRO A 73 -33.41 -6.43 -2.13
C PRO A 73 -32.70 -6.27 -0.81
N ARG A 74 -31.81 -5.28 -0.73
CA ARG A 74 -31.08 -5.02 0.50
C ARG A 74 -30.71 -3.56 0.63
N SER A 75 -30.86 -3.06 1.86
CA SER A 75 -30.31 -1.79 2.31
C SER A 75 -29.47 -2.07 3.55
N GLY A 76 -28.56 -1.15 3.89
CA GLY A 76 -27.74 -1.33 5.08
C GLY A 76 -26.67 -2.41 4.93
N LEU A 77 -26.38 -2.77 3.70
CA LEU A 77 -25.38 -3.71 3.30
C LEU A 77 -24.07 -2.96 3.16
N ALA A 78 -22.99 -3.71 3.02
CA ALA A 78 -21.74 -3.12 2.62
C ALA A 78 -21.26 -3.82 1.35
N GLY A 79 -20.44 -3.11 0.57
CA GLY A 79 -19.82 -3.67 -0.62
C GLY A 79 -18.30 -3.67 -0.50
N CYS A 80 -17.68 -4.59 -1.23
CA CYS A 80 -16.22 -4.60 -1.33
C CYS A 80 -15.88 -5.39 -2.57
N VAL A 81 -14.60 -5.41 -2.89
CA VAL A 81 -14.09 -6.06 -4.08
C VAL A 81 -12.91 -6.94 -3.67
N VAL A 82 -12.95 -8.20 -4.09
CA VAL A 82 -11.84 -9.12 -3.91
C VAL A 82 -11.67 -9.91 -5.20
N GLY A 83 -10.43 -9.96 -5.70
CA GLY A 83 -10.18 -10.61 -6.96
C GLY A 83 -10.97 -10.00 -8.08
N GLY A 84 -11.20 -8.69 -8.04
CA GLY A 84 -11.97 -7.99 -9.02
C GLY A 84 -13.47 -8.19 -8.91
N LEU A 85 -13.92 -9.20 -8.17
CA LEU A 85 -15.35 -9.47 -8.03
C LEU A 85 -15.90 -8.60 -6.91
N LEU A 86 -17.17 -8.21 -7.05
CA LEU A 86 -17.84 -7.32 -6.11
C LEU A 86 -18.77 -8.12 -5.21
N TYR A 87 -18.68 -7.89 -3.90
CA TYR A 87 -19.48 -8.67 -2.94
C TYR A 87 -20.44 -7.77 -2.17
N ALA A 88 -21.66 -8.27 -1.95
CA ALA A 88 -22.70 -7.61 -1.16
C ALA A 88 -22.92 -8.39 0.12
N VAL A 89 -22.82 -7.69 1.26
CA VAL A 89 -22.67 -8.32 2.56
C VAL A 89 -23.73 -7.77 3.51
N GLY A 90 -24.49 -8.65 4.14
CA GLY A 90 -25.43 -8.30 5.18
C GLY A 90 -26.56 -7.42 4.65
N GLY A 91 -27.12 -6.61 5.56
CA GLY A 91 -28.17 -5.67 5.24
C GLY A 91 -29.54 -6.12 5.74
N ARG A 92 -30.57 -5.60 5.09
CA ARG A 92 -31.95 -5.85 5.53
C ARG A 92 -32.85 -5.68 4.31
N ASN A 93 -33.90 -6.52 4.21
CA ASN A 93 -34.92 -6.33 3.17
C ASN A 93 -36.12 -5.66 3.87
N ASN A 94 -36.17 -4.34 3.76
CA ASN A 94 -37.26 -3.51 4.25
C ASN A 94 -38.29 -3.38 3.14
N SER A 95 -39.45 -3.99 3.33
CA SER A 95 -40.44 -4.03 2.26
C SER A 95 -41.85 -3.84 2.82
N PRO A 96 -42.85 -3.61 1.97
CA PRO A 96 -44.22 -3.53 2.48
C PRO A 96 -44.69 -4.79 3.19
N ASP A 97 -43.99 -5.91 3.01
CA ASP A 97 -44.36 -7.18 3.64
C ASP A 97 -43.40 -7.71 4.69
N GLY A 98 -42.39 -6.95 5.08
CA GLY A 98 -41.48 -7.51 6.06
C GLY A 98 -40.29 -6.61 6.25
N ASN A 99 -39.42 -7.04 7.18
CA ASN A 99 -38.21 -6.28 7.52
C ASN A 99 -37.20 -7.33 7.98
N THR A 100 -36.68 -8.10 7.07
CA THR A 100 -35.89 -9.24 7.48
C THR A 100 -34.42 -8.86 7.37
N ASP A 101 -33.70 -8.93 8.50
CA ASP A 101 -32.25 -8.70 8.49
C ASP A 101 -31.54 -9.82 7.73
N SER A 102 -30.38 -9.50 7.17
CA SER A 102 -29.74 -10.37 6.20
C SER A 102 -28.42 -10.92 6.71
N SER A 103 -28.25 -12.24 6.62
CA SER A 103 -26.92 -12.80 6.80
C SER A 103 -26.26 -13.17 5.48
N ALA A 104 -26.87 -12.75 4.38
CA ALA A 104 -26.44 -13.20 3.06
C ALA A 104 -25.11 -12.58 2.66
N LEU A 105 -24.34 -13.35 1.88
CA LEU A 105 -23.20 -12.85 1.13
C LEU A 105 -23.40 -13.28 -0.32
N ASP A 106 -23.35 -12.34 -1.25
CA ASP A 106 -23.56 -12.63 -2.67
C ASP A 106 -22.44 -12.00 -3.48
N CYS A 107 -22.06 -12.65 -4.57
CA CYS A 107 -20.89 -12.27 -5.36
C CYS A 107 -21.30 -11.98 -6.80
N TYR A 108 -20.83 -10.85 -7.34
CA TYR A 108 -21.18 -10.44 -8.68
C TYR A 108 -19.92 -10.34 -9.53
N ASN A 109 -20.02 -10.76 -10.79
CA ASN A 109 -18.88 -10.86 -11.72
C ASN A 109 -19.08 -9.87 -12.87
N PRO A 110 -18.22 -8.84 -12.99
CA PRO A 110 -18.47 -7.75 -13.97
C PRO A 110 -18.50 -8.14 -15.44
N MET A 111 -17.85 -9.23 -15.83
CA MET A 111 -17.92 -9.63 -17.23
C MET A 111 -18.88 -10.79 -17.50
N THR A 112 -19.45 -11.40 -16.45
CA THR A 112 -20.60 -12.31 -16.55
C THR A 112 -21.91 -11.62 -16.28
N ASN A 113 -21.85 -10.47 -15.63
CA ASN A 113 -23.03 -9.86 -15.03
C ASN A 113 -23.92 -10.97 -14.45
N GLN A 114 -23.40 -11.69 -13.44
CA GLN A 114 -24.15 -12.73 -12.73
C GLN A 114 -23.85 -12.63 -11.23
N TRP A 115 -24.92 -12.60 -10.42
CA TRP A 115 -24.83 -12.78 -8.97
C TRP A 115 -24.86 -14.27 -8.67
N SER A 116 -24.11 -14.68 -7.66
CA SER A 116 -24.31 -16.05 -7.22
C SER A 116 -24.13 -16.04 -5.72
N PRO A 117 -24.90 -16.83 -4.99
CA PRO A 117 -24.82 -16.76 -3.53
C PRO A 117 -23.55 -17.42 -3.02
N CYS A 118 -23.04 -16.91 -1.89
CA CYS A 118 -21.93 -17.54 -1.18
C CYS A 118 -22.45 -18.01 0.18
N ALA A 119 -21.60 -18.62 0.98
CA ALA A 119 -22.09 -19.07 2.28
C ALA A 119 -22.52 -17.87 3.13
N PRO A 120 -23.57 -18.00 3.95
CA PRO A 120 -24.01 -16.90 4.80
C PRO A 120 -23.21 -16.80 6.10
N MET A 121 -23.36 -15.64 6.75
CA MET A 121 -22.75 -15.39 8.05
C MET A 121 -23.45 -16.14 9.17
N SER A 122 -22.75 -16.16 10.30
CA SER A 122 -23.26 -16.70 11.55
C SER A 122 -24.56 -16.02 11.97
N VAL A 123 -24.67 -14.71 11.76
CA VAL A 123 -25.85 -13.94 12.18
C VAL A 123 -26.21 -12.90 11.12
N PRO A 124 -27.50 -12.50 11.11
CA PRO A 124 -27.88 -11.36 10.28
C PRO A 124 -27.20 -10.10 10.77
N ARG A 125 -26.81 -9.25 9.83
CA ARG A 125 -26.11 -8.01 10.22
C ARG A 125 -26.62 -6.90 9.31
N ASN A 126 -27.60 -6.16 9.80
CA ASN A 126 -28.02 -4.94 9.15
C ASN A 126 -27.13 -3.80 9.60
N ARG A 127 -26.87 -2.86 8.68
CA ARG A 127 -25.98 -1.70 8.92
C ARG A 127 -24.61 -2.17 9.37
N ILE A 128 -24.07 -3.05 8.57
CA ILE A 128 -22.84 -3.76 8.77
C ILE A 128 -21.71 -2.87 8.27
N GLY A 129 -20.50 -3.13 8.72
CA GLY A 129 -19.32 -2.57 8.08
C GLY A 129 -18.45 -3.72 7.62
N VAL A 130 -17.67 -3.49 6.54
CA VAL A 130 -16.79 -4.52 6.00
C VAL A 130 -15.43 -3.94 5.63
N GLY A 131 -14.40 -4.76 5.72
CA GLY A 131 -13.09 -4.39 5.21
C GLY A 131 -12.36 -5.60 4.67
N VAL A 132 -11.33 -5.35 3.85
CA VAL A 132 -10.62 -6.45 3.16
C VAL A 132 -9.14 -6.42 3.58
N ILE A 133 -8.68 -7.47 4.23
CA ILE A 133 -7.24 -7.66 4.44
C ILE A 133 -6.82 -8.98 3.80
N ASP A 134 -5.76 -8.93 2.98
CA ASP A 134 -5.16 -10.13 2.43
C ASP A 134 -6.20 -10.92 1.64
N GLY A 135 -7.04 -10.23 0.87
CA GLY A 135 -8.06 -10.90 0.07
C GLY A 135 -9.20 -11.56 0.84
N HIS A 136 -9.37 -11.21 2.13
CA HIS A 136 -10.39 -11.80 2.99
C HIS A 136 -11.34 -10.69 3.44
N ILE A 137 -12.62 -11.02 3.55
CA ILE A 137 -13.65 -10.04 3.92
C ILE A 137 -13.94 -10.21 5.42
N TYR A 138 -13.87 -9.10 6.17
CA TYR A 138 -14.25 -9.07 7.59
C TYR A 138 -15.60 -8.39 7.74
N ALA A 139 -16.54 -9.06 8.42
CA ALA A 139 -17.88 -8.54 8.69
C ALA A 139 -17.96 -8.06 10.14
N VAL A 140 -18.37 -6.82 10.33
CA VAL A 140 -18.21 -6.15 11.62
C VAL A 140 -19.56 -5.59 12.07
N GLY A 141 -19.99 -5.97 13.27
CA GLY A 141 -21.05 -5.25 13.92
C GLY A 141 -22.38 -5.46 13.24
N GLY A 142 -23.18 -4.41 13.20
CA GLY A 142 -24.52 -4.46 12.63
C GLY A 142 -25.51 -4.92 13.66
N SER A 143 -26.79 -4.96 13.24
CA SER A 143 -27.89 -5.31 14.12
C SER A 143 -28.72 -6.45 13.56
N HIS A 144 -29.41 -7.12 14.48
CA HIS A 144 -30.44 -8.10 14.12
C HIS A 144 -31.57 -7.88 15.11
N GLY A 145 -32.64 -7.24 14.64
CA GLY A 145 -33.72 -6.87 15.53
C GLY A 145 -33.17 -5.89 16.54
N CYS A 146 -33.46 -6.10 17.81
CA CYS A 146 -32.89 -5.20 18.80
C CYS A 146 -31.51 -5.64 19.29
N ILE A 147 -30.92 -6.68 18.71
CA ILE A 147 -29.58 -7.11 19.10
C ILE A 147 -28.54 -6.26 18.35
N HIS A 148 -27.65 -5.57 19.09
CA HIS A 148 -26.57 -4.79 18.51
C HIS A 148 -25.26 -5.55 18.69
N HIS A 149 -24.72 -6.02 17.57
CA HIS A 149 -23.58 -6.93 17.58
C HIS A 149 -22.32 -6.19 17.97
N ASN A 150 -21.48 -6.84 18.76
CA ASN A 150 -20.07 -6.53 18.78
C ASN A 150 -19.26 -7.59 18.02
N SER A 151 -19.93 -8.63 17.50
CA SER A 151 -19.23 -9.75 16.90
C SER A 151 -18.64 -9.40 15.54
N VAL A 152 -17.65 -10.19 15.16
CA VAL A 152 -16.94 -10.02 13.89
C VAL A 152 -16.67 -11.40 13.31
N GLU A 153 -16.72 -11.50 11.97
CA GLU A 153 -16.35 -12.76 11.30
C GLU A 153 -15.65 -12.46 9.97
N ARG A 154 -14.92 -13.46 9.45
CA ARG A 154 -14.04 -13.31 8.29
C ARG A 154 -14.41 -14.35 7.24
N TYR A 155 -14.50 -13.91 5.98
CA TYR A 155 -14.86 -14.74 4.83
C TYR A 155 -13.65 -15.05 3.97
N GLU A 156 -13.66 -16.23 3.34
CA GLU A 156 -12.56 -16.70 2.49
C GLU A 156 -13.03 -17.04 1.08
N PRO A 157 -12.82 -16.15 0.09
CA PRO A 157 -13.37 -16.39 -1.25
C PRO A 157 -12.93 -17.68 -1.90
N GLU A 158 -11.69 -18.11 -1.67
CA GLU A 158 -11.26 -19.36 -2.27
C GLU A 158 -11.85 -20.58 -1.59
N ARG A 159 -12.39 -20.42 -0.37
CA ARG A 159 -12.97 -21.56 0.32
C ARG A 159 -14.45 -21.41 0.66
N ASP A 160 -15.07 -20.28 0.33
CA ASP A 160 -16.48 -20.00 0.65
C ASP A 160 -16.87 -20.41 2.08
N GLU A 161 -16.15 -19.84 3.06
CA GLU A 161 -16.24 -20.20 4.48
C GLU A 161 -16.32 -18.91 5.28
N TRP A 162 -17.22 -18.84 6.27
CA TRP A 162 -17.14 -17.81 7.29
C TRP A 162 -16.55 -18.40 8.56
N HIS A 163 -15.79 -17.57 9.27
CA HIS A 163 -15.20 -17.91 10.56
C HIS A 163 -15.25 -16.70 11.49
N LEU A 164 -15.66 -16.98 12.72
CA LEU A 164 -15.79 -15.98 13.77
C LEU A 164 -14.41 -15.56 14.29
N VAL A 165 -14.19 -14.25 14.49
CA VAL A 165 -12.94 -13.81 15.12
C VAL A 165 -13.24 -13.12 16.45
N ALA A 166 -12.27 -12.38 17.00
CA ALA A 166 -12.46 -11.73 18.28
C ALA A 166 -13.51 -10.62 18.17
N PRO A 167 -14.44 -10.51 19.13
CA PRO A 167 -15.42 -9.41 19.11
C PRO A 167 -14.82 -8.05 19.41
N MET A 168 -15.49 -7.01 18.94
CA MET A 168 -15.11 -5.64 19.28
C MET A 168 -15.33 -5.36 20.75
N LEU A 169 -14.68 -4.30 21.23
CA LEU A 169 -14.93 -3.79 22.58
C LEU A 169 -16.30 -3.15 22.72
N THR A 170 -16.93 -2.77 21.62
CA THR A 170 -18.11 -1.94 21.61
C THR A 170 -19.12 -2.58 20.67
N ARG A 171 -20.40 -2.53 21.03
CA ARG A 171 -21.48 -2.90 20.10
C ARG A 171 -21.67 -1.78 19.11
N ARG A 172 -21.68 -2.08 17.81
CA ARG A 172 -21.62 -1.01 16.81
C ARG A 172 -22.49 -1.35 15.60
N ILE A 173 -23.58 -0.63 15.42
CA ILE A 173 -24.33 -0.74 14.17
C ILE A 173 -24.15 0.56 13.42
N GLY A 174 -24.23 0.52 12.09
CA GLY A 174 -23.89 1.72 11.35
C GLY A 174 -22.43 2.06 11.51
N VAL A 175 -21.59 1.05 11.66
CA VAL A 175 -20.15 1.22 11.89
C VAL A 175 -19.44 1.45 10.57
N GLY A 176 -18.44 2.33 10.57
CA GLY A 176 -17.58 2.53 9.41
C GLY A 176 -16.31 1.71 9.54
N VAL A 177 -15.85 1.13 8.44
CA VAL A 177 -14.72 0.21 8.51
C VAL A 177 -13.69 0.60 7.46
N ALA A 178 -12.41 0.50 7.84
CA ALA A 178 -11.33 0.87 6.94
C ALA A 178 -10.15 -0.03 7.23
N VAL A 179 -9.32 -0.21 6.21
CA VAL A 179 -8.10 -0.99 6.27
C VAL A 179 -6.95 -0.06 5.94
N LEU A 180 -5.96 0.00 6.84
CA LEU A 180 -4.78 0.82 6.66
C LEU A 180 -3.61 0.07 7.25
N ASN A 181 -2.54 -0.07 6.46
CA ASN A 181 -1.40 -0.90 6.82
C ASN A 181 -1.86 -2.30 7.25
N ARG A 182 -2.83 -2.80 6.55
CA ARG A 182 -3.24 -4.14 6.84
C ARG A 182 -3.74 -4.34 8.29
N LEU A 183 -4.20 -3.28 8.95
CA LEU A 183 -4.94 -3.37 10.19
C LEU A 183 -6.39 -2.95 9.92
N LEU A 184 -7.34 -3.47 10.70
CA LEU A 184 -8.80 -3.29 10.50
C LEU A 184 -9.36 -2.32 11.53
N TYR A 185 -9.94 -1.21 11.07
CA TYR A 185 -10.47 -0.20 11.96
C TYR A 185 -12.00 -0.17 11.96
N ALA A 186 -12.58 -0.07 13.14
CA ALA A 186 -14.03 0.03 13.27
C ALA A 186 -14.30 1.40 13.84
N VAL A 187 -15.11 2.19 13.15
CA VAL A 187 -15.19 3.64 13.40
C VAL A 187 -16.64 4.04 13.61
N GLY A 188 -16.92 4.71 14.77
CA GLY A 188 -18.25 5.28 14.98
C GLY A 188 -19.30 4.18 15.13
N GLY A 189 -20.54 4.56 14.81
CA GLY A 189 -21.68 3.69 14.87
C GLY A 189 -22.60 4.07 16.03
N PHE A 190 -23.44 3.11 16.41
CA PHE A 190 -24.49 3.28 17.40
C PHE A 190 -24.55 2.00 18.23
N ASP A 191 -24.50 2.10 19.56
CA ASP A 191 -24.45 0.88 20.38
C ASP A 191 -25.82 0.48 20.90
N GLY A 192 -26.86 1.17 20.43
CA GLY A 192 -28.23 0.98 20.88
C GLY A 192 -28.74 2.08 21.80
N THR A 193 -27.83 2.83 22.44
CA THR A 193 -28.21 3.91 23.33
C THR A 193 -27.49 5.17 22.91
N ASN A 194 -26.16 5.05 22.66
CA ASN A 194 -25.33 6.20 22.31
C ASN A 194 -24.79 6.06 20.89
N ARG A 195 -24.79 7.16 20.12
CA ARG A 195 -24.00 7.24 18.91
C ARG A 195 -22.55 7.48 19.33
N LEU A 196 -21.61 7.02 18.51
CA LEU A 196 -20.24 6.83 18.96
C LEU A 196 -19.30 7.72 18.18
N ASN A 197 -18.29 8.28 18.87
CA ASN A 197 -17.13 8.80 18.18
C ASN A 197 -15.90 7.91 18.39
N SER A 198 -16.05 6.79 19.09
CA SER A 198 -14.87 5.98 19.37
C SER A 198 -14.49 5.20 18.10
N ALA A 199 -13.23 4.79 18.04
CA ALA A 199 -12.76 3.89 16.98
C ALA A 199 -11.89 2.88 17.69
N GLU A 200 -11.77 1.69 17.10
CA GLU A 200 -10.94 0.66 17.70
C GLU A 200 -10.32 -0.14 16.57
N CYS A 201 -9.21 -0.82 16.88
CA CYS A 201 -8.36 -1.38 15.84
C CYS A 201 -8.18 -2.85 16.11
N TYR A 202 -8.32 -3.67 15.05
CA TYR A 202 -8.18 -5.12 15.12
C TYR A 202 -6.83 -5.54 14.56
N TYR A 203 -6.09 -6.37 15.23
CA TYR A 203 -4.81 -6.83 14.64
C TYR A 203 -4.96 -8.32 14.27
N PRO A 204 -4.89 -8.62 13.00
CA PRO A 204 -5.17 -9.99 12.55
C PRO A 204 -4.17 -11.04 13.10
N GLU A 205 -2.88 -10.70 13.28
CA GLU A 205 -1.99 -11.65 13.97
C GLU A 205 -2.09 -11.67 15.49
N ARG A 206 -2.74 -10.63 16.04
CA ARG A 206 -3.05 -10.53 17.46
C ARG A 206 -4.55 -10.76 17.79
N ASN A 207 -5.36 -11.05 16.77
CA ASN A 207 -6.80 -11.28 16.96
C ASN A 207 -7.27 -10.70 18.31
N GLU A 208 -7.05 -9.40 18.45
CA GLU A 208 -7.46 -8.63 19.63
C GLU A 208 -7.83 -7.25 19.16
N TRP A 209 -8.74 -6.60 19.91
CA TRP A 209 -9.21 -5.26 19.58
C TRP A 209 -8.61 -4.24 20.54
N ARG A 210 -8.20 -3.11 19.98
CA ARG A 210 -7.60 -2.06 20.79
C ARG A 210 -8.29 -0.73 20.51
N MET A 211 -8.68 -0.04 21.57
CA MET A 211 -9.32 1.26 21.40
C MET A 211 -8.25 2.25 20.91
N ILE A 212 -8.62 3.18 20.02
CA ILE A 212 -7.67 4.25 19.66
C ILE A 212 -8.29 5.61 20.01
N THR A 213 -7.62 6.70 19.61
CA THR A 213 -8.14 8.07 19.79
C THR A 213 -9.51 8.21 19.15
N ALA A 214 -10.48 8.79 19.89
CA ALA A 214 -11.80 8.98 19.33
C ALA A 214 -11.79 10.10 18.29
N MET A 215 -12.75 10.01 17.34
CA MET A 215 -12.94 11.10 16.39
C MET A 215 -13.32 12.38 17.14
N ASN A 216 -13.15 13.52 16.46
CA ASN A 216 -13.68 14.76 17.01
C ASN A 216 -15.21 14.74 17.05
N THR A 217 -15.83 14.01 16.13
CA THR A 217 -17.30 14.06 15.94
C THR A 217 -17.93 12.69 16.19
N ILE A 218 -19.05 12.67 16.90
CA ILE A 218 -19.86 11.46 16.98
C ILE A 218 -20.52 11.20 15.63
N ARG A 219 -20.34 9.97 15.09
CA ARG A 219 -20.85 9.63 13.75
C ARG A 219 -21.42 8.21 13.72
N SER A 220 -22.72 8.10 13.48
CA SER A 220 -23.35 6.84 13.15
C SER A 220 -23.69 6.90 11.67
N GLY A 221 -23.39 5.82 10.96
CA GLY A 221 -23.74 5.79 9.55
C GLY A 221 -22.92 6.75 8.71
N ALA A 222 -21.66 7.01 9.08
CA ALA A 222 -20.73 7.78 8.26
C ALA A 222 -20.26 6.94 7.07
N GLY A 223 -19.68 7.60 6.08
CA GLY A 223 -18.91 6.90 5.04
C GLY A 223 -17.49 6.93 5.55
N VAL A 224 -16.84 5.77 5.59
CA VAL A 224 -15.46 5.67 6.07
C VAL A 224 -14.65 5.00 4.98
N CYS A 225 -13.49 5.58 4.64
CA CYS A 225 -12.62 5.08 3.58
C CYS A 225 -11.19 5.49 3.93
N VAL A 226 -10.24 5.07 3.11
CA VAL A 226 -8.85 5.46 3.21
C VAL A 226 -8.45 6.22 1.96
N LEU A 227 -7.88 7.40 2.14
CA LEU A 227 -7.35 8.23 1.07
C LEU A 227 -6.05 8.85 1.55
N HIS A 228 -5.10 8.97 0.63
CA HIS A 228 -3.71 9.19 0.99
C HIS A 228 -3.41 8.02 1.90
N ASN A 229 -3.02 8.24 3.15
CA ASN A 229 -2.86 7.22 4.17
C ASN A 229 -3.53 7.73 5.44
N CYS A 230 -4.75 8.25 5.31
CA CYS A 230 -5.58 8.63 6.44
C CYS A 230 -6.93 7.92 6.35
N ILE A 231 -7.50 7.62 7.50
CA ILE A 231 -8.85 7.07 7.58
C ILE A 231 -9.76 8.27 7.57
N TYR A 232 -10.63 8.36 6.59
CA TYR A 232 -11.54 9.48 6.49
C TYR A 232 -12.89 9.02 7.03
N ALA A 233 -13.56 9.93 7.73
CA ALA A 233 -14.91 9.72 8.19
C ALA A 233 -15.74 10.91 7.72
N ALA A 234 -16.73 10.67 6.85
CA ALA A 234 -17.51 11.73 6.26
C ALA A 234 -18.99 11.60 6.63
N GLY A 235 -19.60 12.69 7.06
CA GLY A 235 -20.99 12.79 7.38
C GLY A 235 -21.37 11.88 8.54
N GLY A 236 -22.56 11.37 8.44
CA GLY A 236 -23.16 10.56 9.47
C GLY A 236 -24.26 11.31 10.21
N TYR A 237 -24.68 10.69 11.31
CA TYR A 237 -25.75 11.17 12.14
C TYR A 237 -25.27 11.04 13.56
N ASP A 238 -25.50 12.09 14.35
CA ASP A 238 -24.98 12.12 15.72
C ASP A 238 -26.09 12.04 16.75
N GLY A 239 -27.29 11.65 16.35
CA GLY A 239 -28.41 11.66 17.26
C GLY A 239 -29.20 12.95 17.24
N GLN A 240 -28.68 14.00 16.63
CA GLN A 240 -29.43 15.25 16.48
C GLN A 240 -29.51 15.73 15.04
N ASP A 241 -28.38 15.72 14.32
CA ASP A 241 -28.29 16.27 12.97
C ASP A 241 -27.57 15.28 12.08
N GLN A 242 -27.95 15.25 10.80
CA GLN A 242 -27.04 14.67 9.83
C GLN A 242 -25.92 15.64 9.57
N LEU A 243 -24.73 15.10 9.27
CA LEU A 243 -23.49 15.87 9.29
C LEU A 243 -22.96 16.07 7.89
N ASN A 244 -22.39 17.26 7.63
CA ASN A 244 -21.58 17.44 6.44
C ASN A 244 -20.09 17.54 6.73
N SER A 245 -19.67 17.58 8.00
CA SER A 245 -18.25 17.66 8.31
C SER A 245 -17.57 16.32 8.01
N VAL A 246 -16.28 16.40 7.76
CA VAL A 246 -15.40 15.30 7.37
C VAL A 246 -14.11 15.45 8.16
N GLU A 247 -13.56 14.35 8.66
CA GLU A 247 -12.29 14.39 9.35
C GLU A 247 -11.49 13.14 9.01
N ARG A 248 -10.16 13.20 9.23
CA ARG A 248 -9.29 12.10 8.84
C ARG A 248 -8.24 11.77 9.89
N TYR A 249 -7.92 10.47 10.00
CA TYR A 249 -7.00 9.96 11.03
C TYR A 249 -5.62 9.66 10.46
N ASP A 250 -4.57 10.17 11.10
CA ASP A 250 -3.20 9.88 10.70
C ASP A 250 -2.66 8.92 11.73
N VAL A 251 -2.27 7.71 11.31
CA VAL A 251 -1.85 6.69 12.28
C VAL A 251 -0.59 7.11 13.03
N ALA A 252 0.37 7.68 12.32
CA ALA A 252 1.65 7.97 12.99
C ALA A 252 1.51 8.99 14.11
N THR A 253 0.62 9.97 13.94
CA THR A 253 0.48 10.95 15.01
C THR A 253 -0.76 10.68 15.86
N ALA A 254 -1.51 9.63 15.55
CA ALA A 254 -2.73 9.30 16.28
C ALA A 254 -3.63 10.52 16.46
N THR A 255 -3.82 11.28 15.37
CA THR A 255 -4.60 12.50 15.43
C THR A 255 -5.70 12.50 14.36
N TRP A 256 -6.90 12.97 14.73
CA TRP A 256 -7.97 13.24 13.78
C TRP A 256 -8.00 14.73 13.48
N THR A 257 -8.11 15.08 12.19
CA THR A 257 -8.16 16.45 11.71
C THR A 257 -9.33 16.64 10.76
N PHE A 258 -10.06 17.76 10.93
CA PHE A 258 -11.12 18.13 9.98
C PHE A 258 -10.54 18.60 8.66
N VAL A 259 -11.28 18.33 7.59
CA VAL A 259 -11.00 18.91 6.28
C VAL A 259 -12.27 19.65 5.84
N ALA A 260 -12.36 20.01 4.57
CA ALA A 260 -13.51 20.78 4.12
C ALA A 260 -14.79 19.95 4.20
N PRO A 261 -15.90 20.54 4.62
CA PRO A 261 -17.15 19.77 4.72
C PRO A 261 -17.80 19.67 3.36
N MET A 262 -18.58 18.60 3.19
CA MET A 262 -19.44 18.47 2.01
C MET A 262 -20.46 19.61 1.97
N LYS A 263 -21.02 19.88 0.78
CA LYS A 263 -22.03 20.94 0.78
C LYS A 263 -23.32 20.51 1.47
N HIS A 264 -23.70 19.24 1.40
CA HIS A 264 -24.94 18.82 2.07
C HIS A 264 -24.71 17.65 3.01
N ARG A 265 -25.23 17.83 4.22
CA ARG A 265 -25.25 16.82 5.27
C ARG A 265 -25.82 15.51 4.73
N ARG A 266 -25.28 14.39 5.21
CA ARG A 266 -25.74 13.11 4.71
C ARG A 266 -25.27 12.00 5.67
N SER A 267 -26.16 11.05 5.98
CA SER A 267 -25.83 9.80 6.67
C SER A 267 -26.26 8.61 5.83
N ALA A 268 -25.77 7.42 6.17
CA ALA A 268 -26.06 6.21 5.38
C ALA A 268 -25.65 6.42 3.93
N LEU A 269 -24.53 7.11 3.74
CA LEU A 269 -23.99 7.31 2.39
C LEU A 269 -23.11 6.12 2.02
N GLY A 270 -22.99 5.88 0.74
CA GLY A 270 -21.98 4.97 0.25
C GLY A 270 -20.74 5.78 0.00
N ILE A 271 -19.58 5.14 0.10
CA ILE A 271 -18.34 5.90 -0.05
C ILE A 271 -17.31 5.03 -0.74
N THR A 272 -16.51 5.66 -1.61
CA THR A 272 -15.39 4.94 -2.19
C THR A 272 -14.32 5.92 -2.65
N VAL A 273 -13.15 5.37 -2.93
CA VAL A 273 -12.04 6.13 -3.48
C VAL A 273 -11.80 5.65 -4.91
N HIS A 274 -11.69 6.62 -5.84
CA HIS A 274 -11.46 6.41 -7.27
C HIS A 274 -10.35 7.35 -7.72
N GLN A 275 -9.30 6.82 -8.36
CA GLN A 275 -8.20 7.64 -8.86
C GLN A 275 -7.78 8.68 -7.82
N GLY A 276 -7.55 8.22 -6.58
CA GLY A 276 -7.03 9.15 -5.60
C GLY A 276 -8.00 10.24 -5.18
N ARG A 277 -9.29 9.99 -5.36
CA ARG A 277 -10.33 10.96 -5.00
C ARG A 277 -11.47 10.25 -4.27
N ILE A 278 -12.15 10.97 -3.39
CA ILE A 278 -13.27 10.39 -2.65
C ILE A 278 -14.56 10.80 -3.32
N TYR A 279 -15.45 9.83 -3.46
CA TYR A 279 -16.82 10.05 -3.88
C TYR A 279 -17.79 9.57 -2.81
N VAL A 280 -18.79 10.38 -2.52
CA VAL A 280 -19.84 10.01 -1.59
C VAL A 280 -21.16 10.02 -2.36
N LEU A 281 -21.96 8.96 -2.14
CA LEU A 281 -23.12 8.65 -2.97
C LEU A 281 -24.37 8.58 -2.11
N GLY A 282 -25.31 9.49 -2.37
CA GLY A 282 -26.63 9.45 -1.76
C GLY A 282 -26.56 9.65 -0.26
N GLY A 283 -27.45 8.98 0.43
CA GLY A 283 -27.61 9.20 1.84
C GLY A 283 -28.92 9.93 2.10
N TYR A 284 -29.08 10.31 3.35
CA TYR A 284 -30.31 10.93 3.84
C TYR A 284 -29.89 12.16 4.64
N ASP A 285 -30.51 13.30 4.34
CA ASP A 285 -30.10 14.56 4.94
C ASP A 285 -31.07 15.04 6.00
N GLY A 286 -31.92 14.15 6.50
CA GLY A 286 -32.98 14.50 7.41
C GLY A 286 -34.30 14.89 6.75
N HIS A 287 -34.30 15.12 5.45
CA HIS A 287 -35.53 15.53 4.77
C HIS A 287 -35.73 14.74 3.48
N THR A 288 -34.63 14.40 2.82
CA THR A 288 -34.63 13.92 1.46
C THR A 288 -33.66 12.74 1.30
N PHE A 289 -34.02 11.81 0.43
CA PHE A 289 -33.09 10.77 0.00
C PHE A 289 -32.33 11.32 -1.19
N LEU A 290 -31.04 11.60 -0.97
CA LEU A 290 -30.27 12.38 -1.93
C LEU A 290 -29.86 11.53 -3.12
N ASP A 291 -29.87 12.17 -4.29
CA ASP A 291 -29.21 11.57 -5.43
C ASP A 291 -27.86 12.23 -5.66
N SER A 292 -27.57 13.29 -4.91
CA SER A 292 -26.33 14.02 -5.09
C SER A 292 -25.11 13.11 -4.90
N VAL A 293 -24.15 13.24 -5.80
CA VAL A 293 -22.81 12.68 -5.62
C VAL A 293 -21.82 13.85 -5.58
N GLU A 294 -21.10 13.98 -4.46
CA GLU A 294 -20.06 14.98 -4.22
C GLU A 294 -18.70 14.34 -4.36
N CYS A 295 -17.71 15.14 -4.73
CA CYS A 295 -16.36 14.68 -4.98
C CYS A 295 -15.39 15.58 -4.25
N TYR A 296 -14.54 14.96 -3.42
CA TYR A 296 -13.56 15.67 -2.61
C TYR A 296 -12.20 15.62 -3.29
N ASP A 297 -11.63 16.79 -3.58
CA ASP A 297 -10.29 16.85 -4.13
C ASP A 297 -9.34 17.14 -2.98
N PRO A 298 -8.42 16.22 -2.63
CA PRO A 298 -7.56 16.46 -1.47
C PRO A 298 -6.49 17.53 -1.70
N ASP A 299 -6.10 17.79 -2.95
CA ASP A 299 -5.09 18.81 -3.19
C ASP A 299 -5.63 20.21 -2.93
N THR A 300 -6.85 20.46 -3.32
CA THR A 300 -7.55 21.71 -3.03
C THR A 300 -8.35 21.72 -1.72
N ASP A 301 -8.62 20.56 -1.09
CA ASP A 301 -9.51 20.50 0.06
C ASP A 301 -10.85 21.13 -0.30
N THR A 302 -11.42 20.67 -1.41
CA THR A 302 -12.65 21.20 -1.96
C THR A 302 -13.59 20.05 -2.33
N TRP A 303 -14.88 20.27 -2.09
CA TRP A 303 -15.93 19.38 -2.54
C TRP A 303 -16.65 19.97 -3.74
N SER A 304 -17.05 19.13 -4.70
CA SER A 304 -17.85 19.60 -5.82
C SER A 304 -18.94 18.60 -6.12
N GLU A 305 -20.08 19.11 -6.60
CA GLU A 305 -21.18 18.25 -7.04
C GLU A 305 -20.86 17.80 -8.45
N VAL A 306 -20.76 16.49 -8.67
CA VAL A 306 -20.29 15.99 -9.94
C VAL A 306 -21.38 15.30 -10.76
N THR A 307 -22.36 14.68 -10.13
CA THR A 307 -23.44 14.03 -10.87
C THR A 307 -24.62 13.82 -9.92
N ARG A 308 -25.70 13.26 -10.48
CA ARG A 308 -26.88 12.82 -9.75
C ARG A 308 -26.95 11.30 -9.88
N MET A 309 -27.29 10.61 -8.80
CA MET A 309 -27.66 9.21 -9.02
C MET A 309 -28.95 9.19 -9.82
N THR A 310 -29.23 8.04 -10.46
CA THR A 310 -30.46 7.91 -11.26
C THR A 310 -31.71 8.21 -10.44
N SER A 311 -31.66 7.94 -9.13
CA SER A 311 -32.73 8.20 -8.20
C SER A 311 -32.10 8.25 -6.81
N GLY A 312 -32.66 9.09 -5.94
CA GLY A 312 -32.12 9.24 -4.60
C GLY A 312 -32.25 7.96 -3.80
N ARG A 313 -31.28 7.74 -2.92
CA ARG A 313 -31.28 6.55 -2.08
C ARG A 313 -30.23 6.69 -1.01
N SER A 314 -30.39 5.91 0.03
CA SER A 314 -29.50 5.77 1.15
C SER A 314 -29.17 4.30 1.37
N GLY A 315 -28.10 4.06 2.12
CA GLY A 315 -27.82 2.75 2.70
C GLY A 315 -27.28 1.77 1.69
N VAL A 316 -26.48 2.23 0.75
CA VAL A 316 -26.00 1.37 -0.31
C VAL A 316 -24.70 0.70 0.12
N GLY A 317 -24.23 -0.26 -0.67
CA GLY A 317 -22.84 -0.72 -0.59
C GLY A 317 -22.12 -0.25 -1.83
N VAL A 318 -20.92 0.29 -1.67
CA VAL A 318 -20.19 0.84 -2.81
C VAL A 318 -18.82 0.17 -2.85
N ALA A 319 -18.31 -0.04 -4.06
CA ALA A 319 -16.94 -0.51 -4.24
C ALA A 319 -16.57 -0.21 -5.68
N VAL A 320 -15.28 -0.25 -5.98
CA VAL A 320 -14.84 0.10 -7.32
C VAL A 320 -14.18 -1.12 -7.94
N THR A 321 -14.49 -1.38 -9.22
CA THR A 321 -13.76 -2.37 -9.96
C THR A 321 -13.89 -2.09 -11.45
N GLY B 37 7.95 -17.47 -15.03
CA GLY B 37 9.29 -17.79 -14.52
C GLY B 37 10.17 -16.56 -14.38
N ARG B 38 10.65 -16.25 -13.17
CA ARG B 38 11.30 -14.96 -12.95
C ARG B 38 12.70 -15.17 -12.40
N LEU B 39 13.61 -14.26 -12.76
CA LEU B 39 15.00 -14.38 -12.35
C LEU B 39 15.43 -13.19 -11.51
N ILE B 40 16.56 -13.35 -10.84
CA ILE B 40 17.14 -12.28 -10.07
C ILE B 40 18.20 -11.61 -10.96
N TYR B 41 17.98 -10.37 -11.36
CA TYR B 41 18.92 -9.68 -12.24
C TYR B 41 19.85 -8.80 -11.43
N THR B 42 21.14 -8.82 -11.77
CA THR B 42 22.12 -7.95 -11.11
C THR B 42 22.78 -7.09 -12.19
N ALA B 43 22.74 -5.77 -12.02
CA ALA B 43 23.30 -4.91 -13.03
C ALA B 43 24.47 -4.12 -12.45
N GLY B 44 25.55 -4.00 -13.21
CA GLY B 44 26.63 -3.14 -12.77
C GLY B 44 27.42 -3.69 -11.59
N GLY B 45 28.01 -2.78 -10.84
CA GLY B 45 28.82 -3.16 -9.69
C GLY B 45 30.20 -2.59 -9.77
N TYR B 46 30.99 -2.95 -8.76
CA TYR B 46 32.37 -2.49 -8.67
C TYR B 46 33.29 -3.64 -8.31
N PHE B 47 34.38 -3.80 -9.06
CA PHE B 47 35.50 -4.65 -8.67
C PHE B 47 36.69 -4.05 -9.41
N ARG B 48 37.49 -3.28 -8.68
CA ARG B 48 38.64 -2.50 -9.16
C ARG B 48 38.26 -1.36 -10.12
N GLN B 49 37.16 -1.48 -10.85
CA GLN B 49 36.55 -0.38 -11.57
C GLN B 49 35.06 -0.68 -11.66
N SER B 50 34.28 0.31 -12.08
CA SER B 50 32.85 0.04 -12.32
C SER B 50 32.66 -0.97 -13.46
N LEU B 51 31.57 -1.73 -13.38
CA LEU B 51 31.34 -2.87 -14.24
C LEU B 51 30.11 -2.67 -15.12
N SER B 52 30.05 -3.38 -16.24
CA SER B 52 28.90 -3.30 -17.13
C SER B 52 28.01 -4.54 -17.09
N TYR B 53 28.32 -5.51 -16.24
CA TYR B 53 27.65 -6.81 -16.34
C TYR B 53 26.16 -6.69 -16.11
N LEU B 54 25.39 -7.48 -16.87
CA LEU B 54 23.99 -7.76 -16.53
C LEU B 54 23.91 -9.27 -16.53
N GLU B 55 23.67 -9.86 -15.37
CA GLU B 55 23.56 -11.31 -15.21
C GLU B 55 22.28 -11.65 -14.44
N ALA B 56 21.71 -12.82 -14.70
CA ALA B 56 20.42 -13.17 -14.11
C ALA B 56 20.50 -14.55 -13.48
N TYR B 57 20.16 -14.64 -12.20
CA TYR B 57 20.26 -15.88 -11.46
C TYR B 57 18.92 -16.61 -11.42
N ASN B 58 18.95 -17.91 -11.70
CA ASN B 58 17.72 -18.69 -11.66
C ASN B 58 17.79 -19.52 -10.38
N PRO B 59 16.97 -19.22 -9.35
CA PRO B 59 17.16 -19.91 -8.08
C PRO B 59 16.79 -21.37 -8.13
N SER B 60 16.02 -21.82 -9.15
CA SER B 60 15.72 -23.25 -9.31
C SER B 60 16.87 -24.02 -9.94
N ASP B 61 17.30 -23.63 -11.15
CA ASP B 61 18.32 -24.47 -11.79
C ASP B 61 19.76 -24.03 -11.43
N GLY B 62 19.91 -22.91 -10.74
CA GLY B 62 21.21 -22.43 -10.26
C GLY B 62 22.06 -21.65 -11.23
N THR B 63 21.59 -21.43 -12.46
CA THR B 63 22.50 -20.87 -13.45
C THR B 63 22.56 -19.35 -13.34
N TRP B 64 23.60 -18.80 -13.90
CA TRP B 64 23.69 -17.37 -14.15
C TRP B 64 23.72 -17.18 -15.65
N LEU B 65 22.90 -16.28 -16.13
CA LEU B 65 22.78 -16.07 -17.54
C LEU B 65 23.41 -14.72 -17.83
N ARG B 66 24.29 -14.67 -18.81
CA ARG B 66 24.98 -13.42 -19.11
C ARG B 66 24.14 -12.72 -20.17
N LEU B 67 23.79 -11.47 -19.94
CA LEU B 67 22.88 -10.75 -20.84
C LEU B 67 23.57 -9.49 -21.36
N ALA B 68 22.82 -8.65 -22.08
CA ALA B 68 23.42 -7.47 -22.69
C ALA B 68 24.10 -6.59 -21.65
N ASP B 69 25.33 -6.15 -21.97
CA ASP B 69 26.02 -5.23 -21.05
C ASP B 69 25.30 -3.89 -20.99
N LEU B 70 25.34 -3.26 -19.82
CA LEU B 70 25.03 -1.84 -19.69
C LEU B 70 25.80 -1.02 -20.71
N GLN B 71 25.15 0.05 -21.18
CA GLN B 71 25.80 0.90 -22.16
C GLN B 71 27.03 1.57 -21.55
N VAL B 72 26.99 1.89 -20.26
CA VAL B 72 28.09 2.50 -19.51
C VAL B 72 28.37 1.71 -18.23
N PRO B 73 29.62 1.39 -17.88
CA PRO B 73 29.88 0.73 -16.59
C PRO B 73 29.39 1.60 -15.45
N ARG B 74 28.78 0.99 -14.43
CA ARG B 74 28.36 1.81 -13.31
C ARG B 74 28.29 0.97 -12.04
N SER B 75 28.69 1.59 -10.93
CA SER B 75 28.55 1.04 -9.60
C SER B 75 27.76 2.03 -8.75
N GLY B 76 27.27 1.55 -7.62
CA GLY B 76 26.50 2.44 -6.73
C GLY B 76 25.11 2.80 -7.29
N LEU B 77 24.63 2.07 -8.26
CA LEU B 77 23.33 2.28 -8.87
C LEU B 77 22.26 1.53 -8.12
N ALA B 78 21.00 1.76 -8.50
CA ALA B 78 19.93 0.89 -8.02
C ALA B 78 19.21 0.30 -9.21
N GLY B 79 18.57 -0.85 -8.97
CA GLY B 79 17.69 -1.47 -9.95
C GLY B 79 16.28 -1.54 -9.42
N CYS B 80 15.31 -1.57 -10.35
CA CYS B 80 13.92 -1.79 -9.96
C CYS B 80 13.21 -2.25 -11.22
N VAL B 81 11.96 -2.64 -11.08
CA VAL B 81 11.21 -3.16 -12.23
C VAL B 81 9.89 -2.45 -12.30
N VAL B 82 9.50 -1.98 -13.49
CA VAL B 82 8.14 -1.47 -13.66
C VAL B 82 7.58 -2.03 -14.97
N GLY B 83 6.37 -2.59 -14.91
CA GLY B 83 5.79 -3.12 -16.15
C GLY B 83 6.64 -4.21 -16.75
N GLY B 84 7.27 -5.02 -15.92
CA GLY B 84 8.15 -6.03 -16.46
C GLY B 84 9.50 -5.54 -16.93
N LEU B 85 9.71 -4.24 -17.10
CA LEU B 85 10.99 -3.74 -17.59
C LEU B 85 11.94 -3.50 -16.43
N LEU B 86 13.23 -3.73 -16.67
CA LEU B 86 14.24 -3.57 -15.62
C LEU B 86 14.91 -2.22 -15.84
N TYR B 87 15.02 -1.42 -14.76
CA TYR B 87 15.61 -0.10 -14.83
C TYR B 87 16.90 -0.05 -14.01
N ALA B 88 17.93 0.58 -14.56
CA ALA B 88 19.22 0.83 -13.87
C ALA B 88 19.30 2.33 -13.63
N VAL B 89 19.47 2.74 -12.37
CA VAL B 89 19.27 4.13 -11.99
C VAL B 89 20.53 4.66 -11.31
N GLY B 90 21.05 5.78 -11.81
CA GLY B 90 22.15 6.47 -11.13
C GLY B 90 23.43 5.68 -11.14
N GLY B 91 24.23 5.93 -10.14
CA GLY B 91 25.51 5.26 -9.97
C GLY B 91 26.67 6.15 -10.34
N ARG B 92 27.77 5.49 -10.68
CA ARG B 92 28.99 6.23 -10.95
C ARG B 92 29.87 5.35 -11.83
N ASN B 93 30.53 5.96 -12.76
CA ASN B 93 31.46 5.23 -13.61
C ASN B 93 32.86 5.53 -13.11
N ASN B 94 33.41 4.63 -12.29
CA ASN B 94 34.81 4.66 -11.85
C ASN B 94 35.63 3.87 -12.85
N SER B 95 36.50 4.55 -13.57
CA SER B 95 37.26 3.85 -14.59
C SER B 95 38.68 4.41 -14.60
N PRO B 96 39.63 3.65 -15.15
CA PRO B 96 41.00 4.19 -15.27
C PRO B 96 41.09 5.46 -16.13
N ASP B 97 40.04 5.85 -16.85
CA ASP B 97 40.09 7.00 -17.73
C ASP B 97 39.38 8.21 -17.13
N GLY B 98 38.76 8.03 -15.98
CA GLY B 98 38.05 9.12 -15.34
C GLY B 98 37.02 8.53 -14.40
N ASN B 99 36.38 9.42 -13.66
CA ASN B 99 35.45 8.98 -12.63
C ASN B 99 34.34 10.00 -12.68
N THR B 100 33.10 9.55 -12.88
CA THR B 100 31.99 10.46 -13.08
C THR B 100 30.73 9.86 -12.50
N ASP B 101 30.06 10.61 -11.63
CA ASP B 101 28.77 10.19 -11.13
C ASP B 101 27.75 10.21 -12.29
N SER B 102 26.69 9.41 -12.16
CA SER B 102 25.72 9.24 -13.25
C SER B 102 24.33 9.69 -12.84
N SER B 103 23.68 10.50 -13.69
CA SER B 103 22.24 10.73 -13.57
C SER B 103 21.43 9.83 -14.48
N ALA B 104 22.07 8.86 -15.13
CA ALA B 104 21.39 8.15 -16.21
C ALA B 104 20.27 7.26 -15.68
N LEU B 105 19.25 7.12 -16.51
CA LEU B 105 18.24 6.09 -16.32
C LEU B 105 18.24 5.26 -17.60
N ASP B 106 18.38 3.94 -17.47
CA ASP B 106 18.42 3.06 -18.62
C ASP B 106 17.47 1.89 -18.38
N CYS B 107 16.84 1.38 -19.45
CA CYS B 107 15.79 0.39 -19.28
C CYS B 107 16.13 -0.87 -20.08
N TYR B 108 16.01 -2.04 -19.46
CA TYR B 108 16.34 -3.27 -20.13
C TYR B 108 15.07 -4.11 -20.32
N ASN B 109 14.92 -4.67 -21.51
CA ASN B 109 13.69 -5.39 -21.84
C ASN B 109 14.06 -6.86 -22.01
N PRO B 110 13.63 -7.74 -21.12
CA PRO B 110 14.01 -9.16 -21.26
C PRO B 110 13.52 -9.78 -22.54
N MET B 111 12.52 -9.20 -23.20
CA MET B 111 12.08 -9.92 -24.37
C MET B 111 12.85 -9.50 -25.62
N THR B 112 13.61 -8.40 -25.56
CA THR B 112 14.57 -8.08 -26.62
C THR B 112 16.04 -8.34 -26.26
N ASN B 113 16.35 -8.59 -24.99
CA ASN B 113 17.70 -8.50 -24.41
C ASN B 113 18.41 -7.25 -24.94
N GLN B 114 17.75 -6.11 -24.78
CA GLN B 114 18.31 -4.85 -25.24
C GLN B 114 18.09 -3.76 -24.20
N TRP B 115 19.15 -2.96 -23.94
CA TRP B 115 19.02 -1.74 -23.14
C TRP B 115 18.57 -0.58 -23.99
N SER B 116 17.81 0.33 -23.40
CA SER B 116 17.48 1.60 -24.05
C SER B 116 17.55 2.71 -23.02
N PRO B 117 18.08 3.86 -23.39
CA PRO B 117 18.19 4.94 -22.42
C PRO B 117 16.83 5.60 -22.22
N CYS B 118 16.66 6.16 -21.04
CA CYS B 118 15.53 7.01 -20.71
C CYS B 118 16.00 8.41 -20.43
N ALA B 119 15.03 9.28 -20.16
CA ALA B 119 15.37 10.63 -19.74
C ALA B 119 16.18 10.55 -18.45
N PRO B 120 17.20 11.37 -18.28
CA PRO B 120 18.00 11.32 -17.05
C PRO B 120 17.38 12.08 -15.88
N MET B 121 17.92 11.78 -14.70
CA MET B 121 17.55 12.54 -13.49
C MET B 121 18.08 13.96 -13.58
N SER B 122 17.53 14.82 -12.71
CA SER B 122 17.99 16.20 -12.65
C SER B 122 19.48 16.30 -12.27
N VAL B 123 19.98 15.38 -11.46
CA VAL B 123 21.38 15.44 -10.99
C VAL B 123 21.96 14.03 -10.99
N PRO B 124 23.28 13.90 -11.06
CA PRO B 124 23.90 12.60 -10.82
C PRO B 124 23.71 12.14 -9.37
N ARG B 125 23.55 10.82 -9.18
CA ARG B 125 23.31 10.25 -7.85
C ARG B 125 24.06 8.94 -7.73
N ASN B 126 25.25 9.00 -7.16
CA ASN B 126 26.00 7.81 -6.82
C ASN B 126 25.48 7.32 -5.48
N ARG B 127 25.46 6.00 -5.29
CA ARG B 127 25.00 5.37 -4.03
C ARG B 127 23.58 5.84 -3.71
N ILE B 128 22.72 5.67 -4.71
CA ILE B 128 21.32 6.07 -4.71
C ILE B 128 20.47 4.98 -4.07
N GLY B 129 19.27 5.34 -3.62
CA GLY B 129 18.22 4.35 -3.34
C GLY B 129 17.01 4.69 -4.19
N VAL B 130 16.25 3.65 -4.58
CA VAL B 130 15.03 3.85 -5.35
C VAL B 130 13.91 2.99 -4.81
N GLY B 131 12.68 3.42 -5.09
CA GLY B 131 11.53 2.58 -4.84
C GLY B 131 10.47 2.90 -5.87
N VAL B 132 9.52 1.99 -6.02
CA VAL B 132 8.45 2.11 -7.00
C VAL B 132 7.12 2.25 -6.28
N ILE B 133 6.40 3.33 -6.56
CA ILE B 133 5.02 3.48 -6.13
C ILE B 133 4.11 3.79 -7.34
N ASP B 134 3.06 3.01 -7.50
CA ASP B 134 2.04 3.29 -8.54
C ASP B 134 2.68 3.39 -9.92
N GLY B 135 3.63 2.51 -10.20
CA GLY B 135 4.27 2.53 -11.51
C GLY B 135 5.21 3.67 -11.75
N HIS B 136 5.62 4.39 -10.69
CA HIS B 136 6.54 5.52 -10.79
C HIS B 136 7.82 5.21 -10.03
N ILE B 137 8.99 5.64 -10.56
CA ILE B 137 10.26 5.37 -9.90
C ILE B 137 10.66 6.60 -9.07
N TYR B 138 10.93 6.39 -7.78
CA TYR B 138 11.40 7.47 -6.93
C TYR B 138 12.91 7.29 -6.75
N ALA B 139 13.67 8.32 -7.11
CA ALA B 139 15.10 8.32 -6.89
C ALA B 139 15.41 9.16 -5.66
N VAL B 140 16.21 8.60 -4.72
CA VAL B 140 16.36 9.17 -3.37
C VAL B 140 17.85 9.35 -3.04
N GLY B 141 18.24 10.57 -2.69
CA GLY B 141 19.52 10.78 -2.03
C GLY B 141 20.70 10.55 -2.96
N GLY B 142 21.80 9.99 -2.39
CA GLY B 142 23.02 9.74 -3.14
C GLY B 142 23.92 10.97 -3.10
N SER B 143 25.04 10.88 -3.80
CA SER B 143 26.06 11.93 -3.85
C SER B 143 26.39 12.31 -5.30
N HIS B 144 26.89 13.53 -5.45
CA HIS B 144 27.50 13.99 -6.71
C HIS B 144 28.72 14.81 -6.29
N GLY B 145 29.90 14.22 -6.42
CA GLY B 145 31.07 14.95 -5.95
C GLY B 145 30.96 15.16 -4.45
N CYS B 146 31.17 16.41 -4.00
CA CYS B 146 31.02 16.74 -2.58
C CYS B 146 29.57 17.06 -2.22
N ILE B 147 28.64 16.92 -3.14
CA ILE B 147 27.25 17.20 -2.81
C ILE B 147 26.63 15.95 -2.22
N HIS B 148 26.02 16.09 -1.05
CA HIS B 148 25.30 15.02 -0.35
C HIS B 148 23.80 15.32 -0.52
N HIS B 149 23.09 14.56 -1.36
CA HIS B 149 21.71 14.95 -1.68
C HIS B 149 20.72 14.64 -0.57
N ASN B 150 19.82 15.59 -0.29
CA ASN B 150 18.54 15.22 0.29
C ASN B 150 17.43 15.24 -0.75
N SER B 151 17.73 15.60 -1.99
CA SER B 151 16.66 15.75 -2.97
C SER B 151 16.15 14.39 -3.39
N VAL B 152 14.92 14.38 -3.92
CA VAL B 152 14.17 13.20 -4.33
C VAL B 152 13.43 13.57 -5.60
N GLU B 153 13.35 12.63 -6.55
CA GLU B 153 12.61 12.95 -7.77
C GLU B 153 11.92 11.70 -8.29
N ARG B 154 10.90 11.91 -9.11
CA ARG B 154 9.97 10.87 -9.48
C ARG B 154 9.92 10.74 -11.01
N TYR B 155 10.05 9.50 -11.50
CA TYR B 155 10.02 9.26 -12.94
C TYR B 155 8.70 8.62 -13.29
N GLU B 156 8.15 9.01 -14.43
CA GLU B 156 6.88 8.51 -14.92
C GLU B 156 7.15 7.83 -16.24
N PRO B 157 7.19 6.50 -16.27
CA PRO B 157 7.52 5.79 -17.53
C PRO B 157 6.60 6.16 -18.67
N GLU B 158 5.32 6.45 -18.41
CA GLU B 158 4.43 6.67 -19.55
C GLU B 158 4.75 7.96 -20.27
N ARG B 159 5.44 8.92 -19.65
CA ARG B 159 5.80 10.15 -20.33
C ARG B 159 7.30 10.37 -20.44
N ASP B 160 8.08 9.43 -19.96
CA ASP B 160 9.56 9.52 -19.90
C ASP B 160 10.02 10.89 -19.38
N GLU B 161 9.57 11.22 -18.16
CA GLU B 161 9.78 12.53 -17.54
C GLU B 161 10.10 12.34 -16.08
N TRP B 162 11.11 13.07 -15.61
CA TRP B 162 11.41 13.20 -14.19
C TRP B 162 10.87 14.52 -13.65
N HIS B 163 10.45 14.50 -12.37
CA HIS B 163 9.97 15.70 -11.68
C HIS B 163 10.43 15.65 -10.22
N LEU B 164 11.00 16.75 -9.73
CA LEU B 164 11.45 16.86 -8.33
C LEU B 164 10.26 16.79 -7.38
N VAL B 165 10.43 16.09 -6.26
CA VAL B 165 9.36 16.13 -5.27
C VAL B 165 9.96 16.68 -3.98
N ALA B 166 9.27 16.54 -2.88
CA ALA B 166 9.77 17.12 -1.64
C ALA B 166 11.08 16.44 -1.22
N PRO B 167 12.09 17.21 -0.80
CA PRO B 167 13.35 16.60 -0.36
C PRO B 167 13.20 15.95 1.01
N MET B 168 14.07 14.99 1.27
CA MET B 168 14.09 14.36 2.58
C MET B 168 14.48 15.36 3.68
N LEU B 169 14.18 14.97 4.91
CA LEU B 169 14.64 15.73 6.07
C LEU B 169 16.14 15.66 6.27
N THR B 170 16.80 14.70 5.63
CA THR B 170 18.19 14.32 5.88
C THR B 170 18.93 14.13 4.57
N ARG B 171 20.19 14.56 4.50
CA ARG B 171 21.02 14.21 3.35
C ARG B 171 21.52 12.78 3.53
N ARG B 172 21.32 11.92 2.53
CA ARG B 172 21.56 10.49 2.73
C ARG B 172 22.24 9.91 1.49
N ILE B 173 23.51 9.49 1.65
CA ILE B 173 24.24 8.76 0.62
C ILE B 173 24.27 7.31 1.06
N GLY B 174 24.17 6.37 0.12
CA GLY B 174 24.13 4.97 0.56
C GLY B 174 22.87 4.66 1.33
N VAL B 175 21.79 5.30 0.95
CA VAL B 175 20.50 5.18 1.62
C VAL B 175 19.82 3.92 1.15
N GLY B 176 19.15 3.20 2.05
CA GLY B 176 18.35 2.05 1.66
C GLY B 176 16.90 2.46 1.50
N VAL B 177 16.22 1.96 0.45
CA VAL B 177 14.86 2.43 0.16
C VAL B 177 13.93 1.25 -0.05
N ALA B 178 12.72 1.35 0.48
CA ALA B 178 11.75 0.29 0.31
C ALA B 178 10.37 0.92 0.33
N VAL B 179 9.40 0.26 -0.29
CA VAL B 179 8.03 0.73 -0.31
C VAL B 179 7.17 -0.28 0.42
N LEU B 180 6.39 0.19 1.38
CA LEU B 180 5.50 -0.67 2.14
C LEU B 180 4.18 0.03 2.18
N ASN B 181 3.14 -0.67 1.66
CA ASN B 181 1.81 -0.12 1.51
C ASN B 181 1.82 1.25 0.83
N ARG B 182 2.53 1.35 -0.29
CA ARG B 182 2.54 2.57 -1.10
C ARG B 182 3.02 3.81 -0.32
N LEU B 183 3.83 3.61 0.71
CA LEU B 183 4.65 4.66 1.27
C LEU B 183 6.11 4.31 1.08
N LEU B 184 6.93 5.35 0.90
CA LEU B 184 8.33 5.23 0.52
C LEU B 184 9.20 5.48 1.75
N TYR B 185 10.05 4.52 2.11
CA TYR B 185 10.93 4.65 3.28
C TYR B 185 12.39 4.81 2.87
N ALA B 186 13.10 5.73 3.54
CA ALA B 186 14.51 5.96 3.31
C ALA B 186 15.22 5.68 4.64
N VAL B 187 16.20 4.78 4.61
CA VAL B 187 16.68 4.11 5.82
C VAL B 187 18.19 4.27 5.88
N GLY B 188 18.70 4.82 6.97
CA GLY B 188 20.17 4.87 7.14
C GLY B 188 20.86 5.76 6.13
N GLY B 189 22.13 5.45 5.87
CA GLY B 189 22.96 6.19 4.93
C GLY B 189 24.07 6.97 5.63
N PHE B 190 24.64 7.92 4.88
CA PHE B 190 25.79 8.71 5.28
C PHE B 190 25.53 10.15 4.88
N ASP B 191 25.62 11.11 5.81
CA ASP B 191 25.26 12.47 5.44
C ASP B 191 26.47 13.30 5.03
N GLY B 192 27.62 12.65 4.82
CA GLY B 192 28.85 13.35 4.52
C GLY B 192 29.78 13.50 5.72
N THR B 193 29.25 13.40 6.94
CA THR B 193 30.04 13.54 8.16
C THR B 193 29.79 12.35 9.07
N ASN B 194 28.49 11.99 9.23
CA ASN B 194 28.07 10.92 10.13
C ASN B 194 27.28 9.87 9.41
N ARG B 195 27.45 8.61 9.82
CA ARG B 195 26.52 7.57 9.36
C ARG B 195 25.25 7.54 10.23
N LEU B 196 24.17 7.01 9.65
CA LEU B 196 22.81 7.25 10.17
C LEU B 196 22.12 5.96 10.59
N ASN B 197 21.40 6.00 11.72
CA ASN B 197 20.37 4.96 11.95
C ASN B 197 18.97 5.50 11.81
N SER B 198 18.83 6.79 11.47
CA SER B 198 17.52 7.35 11.37
C SER B 198 16.83 6.84 10.11
N ALA B 199 15.51 6.93 10.13
CA ALA B 199 14.70 6.56 8.96
C ALA B 199 13.55 7.53 8.84
N GLU B 200 13.06 7.71 7.61
CA GLU B 200 11.95 8.64 7.40
C GLU B 200 11.06 8.11 6.29
N CYS B 201 9.84 8.63 6.24
CA CYS B 201 8.79 8.04 5.41
C CYS B 201 8.19 9.12 4.53
N TYR B 202 8.02 8.81 3.26
CA TYR B 202 7.46 9.76 2.31
C TYR B 202 6.02 9.38 1.99
N TYR B 203 5.14 10.37 2.04
CA TYR B 203 3.74 10.14 1.74
C TYR B 203 3.48 10.70 0.35
N PRO B 204 3.30 9.84 -0.65
CA PRO B 204 3.30 10.31 -2.04
C PRO B 204 2.22 11.29 -2.35
N GLU B 205 1.02 11.17 -1.79
CA GLU B 205 0.03 12.12 -2.23
C GLU B 205 -0.01 13.35 -1.33
N ARG B 206 0.57 13.32 -0.15
CA ARG B 206 0.79 14.57 0.58
C ARG B 206 2.08 15.27 0.18
N ASN B 207 3.01 14.54 -0.42
CA ASN B 207 4.31 15.07 -0.81
C ASN B 207 5.05 15.67 0.39
N GLU B 208 5.23 14.85 1.43
CA GLU B 208 5.98 15.27 2.60
C GLU B 208 6.68 14.08 3.24
N TRP B 209 7.81 14.37 3.88
CA TRP B 209 8.59 13.37 4.57
C TRP B 209 8.33 13.49 6.07
N ARG B 210 8.30 12.35 6.77
CA ARG B 210 8.05 12.34 8.20
C ARG B 210 9.03 11.34 8.80
N MET B 211 9.73 11.75 9.85
CA MET B 211 10.69 10.88 10.51
C MET B 211 9.94 9.74 11.19
N ILE B 212 10.52 8.54 11.15
CA ILE B 212 9.94 7.43 11.90
C ILE B 212 10.94 6.95 12.94
N THR B 213 10.63 5.86 13.64
CA THR B 213 11.54 5.24 14.59
C THR B 213 12.87 4.86 13.94
N ALA B 214 13.98 5.24 14.57
CA ALA B 214 15.29 4.90 14.06
C ALA B 214 15.59 3.41 14.22
N MET B 215 16.44 2.87 13.34
CA MET B 215 16.93 1.51 13.49
C MET B 215 17.73 1.36 14.79
N ASN B 216 17.90 0.10 15.23
CA ASN B 216 18.82 -0.13 16.33
C ASN B 216 20.27 0.20 15.97
N THR B 217 20.63 0.05 14.71
CA THR B 217 22.02 0.06 14.24
C THR B 217 22.23 1.13 13.19
N ILE B 218 23.31 1.90 13.35
CA ILE B 218 23.74 2.80 12.30
C ILE B 218 24.21 1.98 11.10
N ARG B 219 23.71 2.32 9.91
CA ARG B 219 24.04 1.61 8.67
C ARG B 219 24.07 2.55 7.48
N SER B 220 25.21 2.58 6.76
CA SER B 220 25.23 3.11 5.41
CA SER B 220 25.25 3.11 5.41
C SER B 220 25.48 1.96 4.43
N GLY B 221 24.86 2.03 3.25
CA GLY B 221 25.07 0.99 2.24
C GLY B 221 24.51 -0.35 2.67
N ALA B 222 23.47 -0.34 3.49
CA ALA B 222 22.73 -1.55 3.82
C ALA B 222 21.86 -1.98 2.64
N GLY B 223 21.40 -3.23 2.67
CA GLY B 223 20.40 -3.69 1.72
C GLY B 223 19.05 -3.53 2.39
N VAL B 224 18.13 -2.80 1.75
CA VAL B 224 16.81 -2.57 2.37
C VAL B 224 15.73 -2.98 1.38
N CYS B 225 14.74 -3.77 1.85
CA CYS B 225 13.69 -4.27 0.98
C CYS B 225 12.46 -4.52 1.85
N VAL B 226 11.36 -4.93 1.22
CA VAL B 226 10.17 -5.25 1.98
C VAL B 226 9.83 -6.71 1.74
N LEU B 227 9.50 -7.42 2.82
CA LEU B 227 9.06 -8.80 2.71
C LEU B 227 7.95 -9.11 3.70
N HIS B 228 6.91 -9.77 3.25
CA HIS B 228 5.82 -10.17 4.12
C HIS B 228 5.40 -9.02 5.03
N ASN B 229 5.28 -7.85 4.41
CA ASN B 229 4.72 -6.67 5.03
C ASN B 229 5.61 -6.07 6.14
N CYS B 230 6.91 -6.30 6.09
CA CYS B 230 7.87 -5.63 6.94
C CYS B 230 9.02 -5.15 6.09
N ILE B 231 9.69 -4.08 6.56
CA ILE B 231 10.91 -3.57 5.95
C ILE B 231 12.10 -4.25 6.60
N TYR B 232 13.02 -4.75 5.80
CA TYR B 232 14.22 -5.37 6.35
C TYR B 232 15.39 -4.46 6.05
N ALA B 233 16.35 -4.37 6.96
CA ALA B 233 17.60 -3.64 6.72
C ALA B 233 18.71 -4.62 7.06
N ALA B 234 19.52 -4.99 6.05
CA ALA B 234 20.52 -6.03 6.20
C ALA B 234 21.91 -5.47 5.94
N GLY B 235 22.82 -5.74 6.86
CA GLY B 235 24.24 -5.37 6.70
C GLY B 235 24.45 -3.87 6.61
N GLY B 236 25.46 -3.48 5.82
CA GLY B 236 25.86 -2.08 5.80
C GLY B 236 27.18 -1.87 6.53
N TYR B 237 27.51 -0.59 6.74
CA TYR B 237 28.76 -0.11 7.34
C TYR B 237 28.41 0.96 8.36
N ASP B 238 28.99 0.91 9.55
CA ASP B 238 28.67 1.91 10.56
C ASP B 238 29.81 2.86 10.80
N GLY B 239 30.81 2.88 9.91
CA GLY B 239 31.97 3.71 10.12
C GLY B 239 33.12 3.03 10.85
N GLN B 240 32.88 1.88 11.45
CA GLN B 240 33.94 1.07 12.03
C GLN B 240 33.97 -0.32 11.44
N ASP B 241 32.83 -0.98 11.38
CA ASP B 241 32.74 -2.36 10.94
C ASP B 241 31.71 -2.48 9.82
N GLN B 242 31.97 -3.40 8.89
CA GLN B 242 30.90 -3.92 8.05
C GLN B 242 30.06 -4.85 8.91
N LEU B 243 28.74 -4.94 8.61
CA LEU B 243 27.74 -5.53 9.50
C LEU B 243 27.16 -6.80 8.90
N ASN B 244 26.85 -7.78 9.75
CA ASN B 244 26.03 -8.90 9.34
C ASN B 244 24.64 -8.86 9.97
N SER B 245 24.38 -7.91 10.86
CA SER B 245 23.09 -7.91 11.55
C SER B 245 21.99 -7.47 10.60
N VAL B 246 20.78 -7.89 10.93
CA VAL B 246 19.61 -7.66 10.09
C VAL B 246 18.46 -7.30 11.03
N GLU B 247 17.71 -6.26 10.70
CA GLU B 247 16.59 -5.89 11.54
C GLU B 247 15.41 -5.53 10.67
N ARG B 248 14.22 -5.64 11.24
CA ARG B 248 13.04 -5.40 10.44
C ARG B 248 12.04 -4.54 11.19
N TYR B 249 11.38 -3.72 10.40
CA TYR B 249 10.45 -2.71 10.88
C TYR B 249 9.04 -3.22 10.69
N ASP B 250 8.24 -3.17 11.75
CA ASP B 250 6.82 -3.50 11.70
C ASP B 250 6.08 -2.17 11.82
N VAL B 251 5.34 -1.79 10.78
CA VAL B 251 4.71 -0.48 10.76
C VAL B 251 3.65 -0.37 11.85
N ALA B 252 3.01 -1.48 12.18
CA ALA B 252 1.93 -1.49 13.16
C ALA B 252 2.42 -1.15 14.57
N THR B 253 3.64 -1.60 14.93
CA THR B 253 4.18 -1.28 16.25
C THR B 253 5.23 -0.20 16.17
N ALA B 254 5.55 0.24 14.95
CA ALA B 254 6.57 1.24 14.70
C ALA B 254 7.87 0.94 15.43
N THR B 255 8.30 -0.33 15.40
CA THR B 255 9.51 -0.78 16.08
C THR B 255 10.37 -1.62 15.14
N TRP B 256 11.70 -1.51 15.31
CA TRP B 256 12.67 -2.35 14.64
C TRP B 256 13.08 -3.49 15.56
N THR B 257 13.16 -4.70 14.99
CA THR B 257 13.50 -5.91 15.73
C THR B 257 14.62 -6.64 14.98
N PHE B 258 15.64 -7.10 15.70
CA PHE B 258 16.66 -7.90 15.01
C PHE B 258 16.09 -9.25 14.64
N VAL B 259 16.54 -9.79 13.50
CA VAL B 259 16.26 -11.18 13.18
C VAL B 259 17.63 -11.85 13.04
N ALA B 260 17.67 -13.01 12.39
CA ALA B 260 18.92 -13.73 12.27
C ALA B 260 19.94 -12.91 11.46
N PRO B 261 21.20 -12.90 11.87
CA PRO B 261 22.22 -12.18 11.10
C PRO B 261 22.65 -13.00 9.87
N MET B 262 23.11 -12.29 8.86
CA MET B 262 23.71 -12.96 7.71
C MET B 262 24.97 -13.72 8.11
N LYS B 263 25.35 -14.65 7.24
CA LYS B 263 26.56 -15.39 7.44
C LYS B 263 27.78 -14.51 7.22
N HIS B 264 27.70 -13.54 6.31
CA HIS B 264 28.87 -12.75 5.96
C HIS B 264 28.58 -11.28 6.13
N ARG B 265 29.43 -10.60 6.89
CA ARG B 265 29.32 -9.15 6.96
C ARG B 265 29.53 -8.56 5.59
N ARG B 266 28.80 -7.50 5.29
CA ARG B 266 28.94 -6.95 3.97
C ARG B 266 28.32 -5.56 3.96
N SER B 267 28.96 -4.63 3.28
CA SER B 267 28.36 -3.34 2.99
C SER B 267 28.26 -3.20 1.48
N ALA B 268 27.32 -2.35 1.02
CA ALA B 268 27.07 -2.13 -0.42
C ALA B 268 26.69 -3.43 -1.13
N LEU B 269 25.89 -4.22 -0.44
CA LEU B 269 25.35 -5.45 -0.99
C LEU B 269 24.14 -5.11 -1.86
N GLY B 270 23.83 -6.00 -2.80
CA GLY B 270 22.57 -5.92 -3.51
C GLY B 270 21.54 -6.76 -2.77
N ILE B 271 20.25 -6.43 -2.93
CA ILE B 271 19.20 -7.09 -2.18
C ILE B 271 17.93 -7.12 -3.03
N THR B 272 17.20 -8.22 -2.95
CA THR B 272 15.87 -8.30 -3.57
C THR B 272 15.07 -9.39 -2.90
N VAL B 273 13.79 -9.47 -3.27
CA VAL B 273 12.94 -10.52 -2.78
C VAL B 273 12.50 -11.36 -3.99
N HIS B 274 12.58 -12.69 -3.86
CA HIS B 274 12.14 -13.66 -4.86
C HIS B 274 11.37 -14.77 -4.14
N GLN B 275 10.12 -14.99 -4.56
CA GLN B 275 9.24 -16.05 -4.03
C GLN B 275 9.29 -16.13 -2.48
N GLY B 276 9.00 -15.00 -1.85
CA GLY B 276 8.91 -14.98 -0.39
C GLY B 276 10.23 -15.12 0.37
N ARG B 277 11.37 -14.92 -0.29
CA ARG B 277 12.63 -15.03 0.44
C ARG B 277 13.52 -13.86 0.02
N ILE B 278 14.39 -13.44 0.94
CA ILE B 278 15.26 -12.31 0.67
C ILE B 278 16.54 -12.88 0.07
N TYR B 279 17.12 -12.21 -0.92
CA TYR B 279 18.44 -12.58 -1.45
C TYR B 279 19.37 -11.39 -1.30
N VAL B 280 20.60 -11.64 -0.86
CA VAL B 280 21.59 -10.57 -0.75
C VAL B 280 22.80 -10.98 -1.61
N LEU B 281 23.32 -10.03 -2.39
CA LEU B 281 24.30 -10.33 -3.45
C LEU B 281 25.55 -9.49 -3.24
N GLY B 282 26.70 -10.15 -3.06
CA GLY B 282 27.99 -9.51 -3.07
C GLY B 282 28.13 -8.48 -1.96
N GLY B 283 28.87 -7.44 -2.28
CA GLY B 283 29.19 -6.44 -1.28
C GLY B 283 30.67 -6.51 -0.91
N TYR B 284 31.00 -5.77 0.14
CA TYR B 284 32.40 -5.54 0.54
C TYR B 284 32.50 -5.78 2.03
N ASP B 285 33.45 -6.61 2.45
CA ASP B 285 33.54 -6.99 3.87
C ASP B 285 34.75 -6.36 4.58
N GLY B 286 35.31 -5.29 4.02
CA GLY B 286 36.54 -4.70 4.52
C GLY B 286 37.79 -5.30 3.94
N HIS B 287 37.68 -6.46 3.26
CA HIS B 287 38.89 -7.05 2.67
C HIS B 287 38.67 -7.51 1.24
N THR B 288 37.50 -8.01 0.92
CA THR B 288 37.33 -8.62 -0.40
C THR B 288 36.00 -8.17 -0.95
N PHE B 289 35.91 -8.14 -2.27
CA PHE B 289 34.62 -7.91 -2.91
C PHE B 289 33.92 -9.26 -3.03
N LEU B 290 32.83 -9.45 -2.31
CA LEU B 290 32.27 -10.79 -2.17
C LEU B 290 31.51 -11.22 -3.41
N ASP B 291 31.53 -12.54 -3.67
CA ASP B 291 30.62 -13.12 -4.65
C ASP B 291 29.50 -13.95 -3.98
N SER B 292 29.54 -14.09 -2.67
CA SER B 292 28.56 -14.86 -1.92
C SER B 292 27.14 -14.33 -2.16
N VAL B 293 26.18 -15.22 -2.42
CA VAL B 293 24.75 -14.88 -2.41
C VAL B 293 24.09 -15.65 -1.27
N GLU B 294 23.46 -14.91 -0.33
CA GLU B 294 22.76 -15.51 0.80
C GLU B 294 21.26 -15.33 0.64
N CYS B 295 20.52 -16.22 1.27
CA CYS B 295 19.06 -16.23 1.10
C CYS B 295 18.39 -16.38 2.46
N TYR B 296 17.48 -15.47 2.78
CA TYR B 296 16.81 -15.48 4.06
C TYR B 296 15.42 -16.11 3.92
N ASP B 297 15.15 -17.14 4.70
CA ASP B 297 13.81 -17.74 4.78
C ASP B 297 13.11 -17.21 6.02
N PRO B 298 12.06 -16.40 5.89
CA PRO B 298 11.42 -15.83 7.08
C PRO B 298 10.65 -16.83 7.89
N ASP B 299 10.21 -17.94 7.31
CA ASP B 299 9.47 -18.90 8.12
C ASP B 299 10.36 -19.58 9.13
N THR B 300 11.60 -19.87 8.76
CA THR B 300 12.59 -20.43 9.67
C THR B 300 13.48 -19.39 10.34
N ASP B 301 13.47 -18.16 9.87
CA ASP B 301 14.44 -17.16 10.36
C ASP B 301 15.87 -17.69 10.23
N THR B 302 16.23 -18.15 9.04
CA THR B 302 17.58 -18.68 8.79
C THR B 302 18.10 -18.15 7.45
N TRP B 303 19.40 -17.88 7.43
CA TRP B 303 20.13 -17.50 6.24
C TRP B 303 20.93 -18.71 5.76
N SER B 304 21.04 -18.88 4.45
CA SER B 304 21.92 -19.91 3.89
C SER B 304 22.57 -19.37 2.62
N GLU B 305 23.76 -19.87 2.33
CA GLU B 305 24.44 -19.50 1.10
C GLU B 305 23.88 -20.33 -0.04
N VAL B 306 23.42 -19.69 -1.12
CA VAL B 306 22.78 -20.46 -2.19
C VAL B 306 23.59 -20.49 -3.49
N THR B 307 24.39 -19.47 -3.79
CA THR B 307 25.20 -19.50 -5.01
C THR B 307 26.35 -18.53 -4.84
N ARG B 308 27.24 -18.52 -5.83
CA ARG B 308 28.26 -17.47 -5.95
C ARG B 308 28.04 -16.77 -7.28
N MET B 309 28.11 -15.44 -7.28
CA MET B 309 28.18 -14.72 -8.55
C MET B 309 29.45 -15.13 -9.30
N THR B 310 29.41 -14.93 -10.62
CA THR B 310 30.56 -15.26 -11.48
C THR B 310 31.83 -14.52 -11.08
N SER B 311 31.70 -13.36 -10.45
CA SER B 311 32.86 -12.65 -9.91
C SER B 311 32.37 -11.72 -8.80
N GLY B 312 33.23 -11.53 -7.78
CA GLY B 312 32.85 -10.67 -6.68
C GLY B 312 32.69 -9.22 -7.08
N ARG B 313 31.76 -8.53 -6.43
CA ARG B 313 31.55 -7.14 -6.76
C ARG B 313 30.68 -6.56 -5.66
N SER B 314 30.72 -5.24 -5.51
CA SER B 314 29.87 -4.47 -4.58
C SER B 314 29.12 -3.42 -5.36
N GLY B 315 28.11 -2.82 -4.74
CA GLY B 315 27.50 -1.67 -5.36
C GLY B 315 26.63 -2.04 -6.58
N VAL B 316 25.93 -3.18 -6.55
CA VAL B 316 25.13 -3.58 -7.72
C VAL B 316 23.74 -3.02 -7.62
N GLY B 317 23.01 -3.04 -8.74
CA GLY B 317 21.55 -2.82 -8.71
C GLY B 317 20.88 -4.16 -9.00
N VAL B 318 19.89 -4.53 -8.19
CA VAL B 318 19.29 -5.86 -8.26
C VAL B 318 17.77 -5.73 -8.33
N ALA B 319 17.11 -6.59 -9.12
CA ALA B 319 15.65 -6.61 -9.15
C ALA B 319 15.20 -7.90 -9.83
N VAL B 320 13.90 -8.17 -9.78
CA VAL B 320 13.38 -9.46 -10.26
C VAL B 320 12.37 -9.20 -11.36
N THR B 321 12.48 -9.95 -12.47
CA THR B 321 11.46 -9.86 -13.50
C THR B 321 11.53 -11.14 -14.34
N MET B 322 10.61 -11.26 -15.31
CA MET B 322 10.52 -12.49 -16.07
C MET B 322 11.84 -12.78 -16.78
N GLU B 323 12.06 -14.07 -17.07
CA GLU B 323 13.28 -14.49 -17.73
C GLU B 323 13.28 -14.02 -19.17
N PRO B 324 14.45 -13.88 -19.80
CA PRO B 324 14.49 -13.36 -21.17
C PRO B 324 14.03 -14.42 -22.17
N SER B 325 13.66 -13.96 -23.37
CA SER B 325 13.27 -14.87 -24.45
C SER B 325 14.51 -15.43 -25.15
N ARG B 326 14.35 -16.59 -25.78
CA ARG B 326 15.45 -17.24 -26.49
C ARG B 326 15.23 -17.21 -27.99
S SO4 C . -28.63 5.89 14.33
O1 SO4 C . -27.49 6.69 14.72
O2 SO4 C . -28.84 6.08 12.87
O3 SO4 C . -28.33 4.47 14.51
O4 SO4 C . -29.79 6.30 15.22
S SO4 D . -23.47 -10.49 19.31
O1 SO4 D . -22.47 -9.47 19.00
O2 SO4 D . -23.30 -11.57 18.34
O3 SO4 D . -23.40 -10.91 20.71
O4 SO4 D . -24.84 -9.94 19.19
S SO4 E . -35.15 -13.67 11.48
O1 SO4 E . -33.85 -13.34 10.91
O2 SO4 E . -35.58 -14.98 10.98
O3 SO4 E . -35.06 -13.69 12.95
O4 SO4 E . -36.13 -12.67 11.07
S SO4 F . 20.53 18.56 -3.17
O1 SO4 F . 21.15 19.49 -2.18
O2 SO4 F . 21.59 18.17 -4.12
O3 SO4 F . 19.95 17.42 -2.48
O4 SO4 F . 19.50 19.38 -3.82
S SO4 G . 32.58 5.07 -5.12
O1 SO4 G . 33.42 6.26 -5.01
O2 SO4 G . 32.60 4.72 -6.54
O3 SO4 G . 33.08 3.95 -4.32
O4 SO4 G . 31.21 5.36 -4.71
#